data_1HKJ
#
_entry.id   1HKJ
#
_cell.length_a   93.990
_cell.length_b   93.990
_cell.length_c   87.086
_cell.angle_alpha   90.00
_cell.angle_beta   90.00
_cell.angle_gamma   90.00
#
_symmetry.space_group_name_H-M   'P 43 21 2'
#
loop_
_entity.id
_entity.type
_entity.pdbx_description
1 polymer CHITOTRIOSIDASE
2 branched 2-acetamido-2-deoxy-6-O-methyl-alpha-D-allopyranose-(1-4)-2-acetamido-2-deoxy-beta-D-allopyranose
3 non-polymer ALLOSAMIZOLINE
4 water water
#
_entity_poly.entity_id   1
_entity_poly.type   'polypeptide(L)'
_entity_poly.pdbx_seq_one_letter_code
;AKLVCYFTNWAQYRQGEARFLPKDLDPSLCTHLIYAFAGMTNHQLSTTEWNDETLYQEFNGLKKMNPKLKTLLAIGGWNF
GTQKFTDMVATANNRQTFVNSAIRFLRKYSFDGLDLDWEYPGSQGSPAVDKERFTTLVQDLANAFQQEAQTSGKERLLLS
AAVPAGQTYVDAGYEVDKIAQNLDFVNLMAYDFHGSWEKVTGHNSPLYKRQEQSGAAASLNVDAAVQQWLQKGTPASKLI
LGMPTYGRSFTLASSSDTRVGAPATGSGTPGPFTKEGGMLAYYEVCSWKGATKQRIQDQKVPYIFRDNQWVGFDDVESFK
TKVSYLKQKGLGGAMVWALDLDDFAGFSCNQGRYPLIQTLRQELS
;
_entity_poly.pdbx_strand_id   A
#
# COMPACT_ATOMS: atom_id res chain seq x y z
N ALA A 1 -13.72 2.31 12.36
CA ALA A 1 -12.89 1.73 11.26
C ALA A 1 -11.53 2.41 11.14
N LYS A 2 -10.54 1.66 10.66
CA LYS A 2 -9.20 2.20 10.45
C LYS A 2 -9.09 2.86 9.08
N LEU A 3 -8.17 3.81 8.97
CA LEU A 3 -7.86 4.48 7.71
C LEU A 3 -6.34 4.60 7.83
N VAL A 4 -5.66 3.57 7.34
CA VAL A 4 -4.20 3.40 7.35
C VAL A 4 -3.62 4.10 6.11
N CYS A 5 -2.78 5.11 6.29
CA CYS A 5 -2.22 5.82 5.15
C CYS A 5 -0.71 5.81 5.15
N TYR A 6 -0.14 5.55 3.96
CA TYR A 6 1.31 5.51 3.82
C TYR A 6 1.97 6.82 3.36
N PHE A 7 3.00 7.22 4.10
CA PHE A 7 3.77 8.40 3.74
C PHE A 7 5.02 7.76 3.09
N THR A 8 5.59 8.39 2.08
CA THR A 8 6.80 7.83 1.48
C THR A 8 7.86 8.90 1.56
N ASN A 9 9.06 8.54 2.00
CA ASN A 9 10.16 9.50 2.17
C ASN A 9 11.01 9.84 0.96
N TRP A 10 10.47 9.68 -0.23
CA TRP A 10 11.19 10.00 -1.47
C TRP A 10 10.35 11.01 -2.21
N ALA A 11 9.14 11.22 -1.71
CA ALA A 11 8.24 12.19 -2.31
C ALA A 11 8.84 13.59 -2.12
N GLN A 12 9.68 13.70 -1.07
CA GLN A 12 10.35 14.94 -0.71
C GLN A 12 11.23 15.46 -1.83
N TYR A 13 11.68 14.57 -2.71
CA TYR A 13 12.55 14.95 -3.81
C TYR A 13 11.84 15.32 -5.12
N ARG A 14 10.51 15.33 -5.12
CA ARG A 14 9.79 15.68 -6.34
C ARG A 14 9.89 17.19 -6.56
N GLN A 15 9.61 17.62 -7.79
CA GLN A 15 9.73 19.03 -8.16
C GLN A 15 8.44 19.87 -7.99
N GLY A 16 8.60 21.07 -7.49
CA GLY A 16 7.46 21.94 -7.32
C GLY A 16 6.36 21.46 -6.41
N GLU A 17 5.14 21.78 -6.79
CA GLU A 17 3.98 21.42 -6.02
C GLU A 17 3.89 19.94 -5.69
N ALA A 18 4.64 19.12 -6.42
CA ALA A 18 4.62 17.68 -6.21
C ALA A 18 5.44 17.32 -4.97
N ARG A 19 6.42 18.15 -4.62
CA ARG A 19 7.27 17.88 -3.46
C ARG A 19 6.46 17.66 -2.19
N PHE A 20 6.68 16.54 -1.50
CA PHE A 20 5.94 16.22 -0.28
C PHE A 20 6.83 15.92 0.95
N LEU A 21 6.57 16.66 2.05
CA LEU A 21 7.28 16.49 3.33
C LEU A 21 6.22 16.36 4.45
N PRO A 22 6.62 15.94 5.66
CA PRO A 22 5.64 15.81 6.76
C PRO A 22 4.70 17.00 6.98
N LYS A 23 5.19 18.22 6.75
CA LYS A 23 4.38 19.41 6.90
C LYS A 23 3.16 19.42 5.97
N ASP A 24 3.16 18.52 4.98
CA ASP A 24 2.05 18.45 4.03
C ASP A 24 1.04 17.43 4.53
N LEU A 25 1.37 16.85 5.67
CA LEU A 25 0.52 15.87 6.31
C LEU A 25 -0.60 16.54 7.06
N ASP A 26 -1.69 15.80 7.23
CA ASP A 26 -2.85 16.23 8.00
C ASP A 26 -2.87 15.24 9.15
N PRO A 27 -2.63 15.70 10.39
CA PRO A 27 -2.62 14.84 11.58
C PRO A 27 -3.92 14.04 11.78
N SER A 28 -5.05 14.59 11.32
CA SER A 28 -6.37 13.98 11.51
C SER A 28 -7.05 13.22 10.35
N LEU A 29 -6.46 13.23 9.16
CA LEU A 29 -7.07 12.58 8.02
C LEU A 29 -7.18 11.08 8.19
N CYS A 30 -6.13 10.47 8.72
CA CYS A 30 -6.09 9.03 8.90
C CYS A 30 -5.99 8.67 10.36
N THR A 31 -6.31 7.42 10.67
CA THR A 31 -6.26 6.86 12.02
C THR A 31 -4.85 6.33 12.28
N HIS A 32 -4.20 5.85 11.22
CA HIS A 32 -2.85 5.29 11.29
C HIS A 32 -1.94 5.80 10.14
N LEU A 33 -0.78 6.36 10.46
CA LEU A 33 0.14 6.80 9.42
C LEU A 33 1.34 5.83 9.40
N ILE A 34 1.63 5.26 8.25
CA ILE A 34 2.74 4.34 8.13
C ILE A 34 3.85 5.00 7.30
N TYR A 35 5.05 5.01 7.87
CA TYR A 35 6.21 5.64 7.24
C TYR A 35 7.02 4.68 6.35
N ALA A 36 6.98 4.91 5.04
CA ALA A 36 7.72 4.09 4.08
C ALA A 36 8.91 4.89 3.53
N PHE A 37 10.13 4.32 3.54
CA PHE A 37 10.43 2.96 4.01
C PHE A 37 11.69 2.98 4.86
N ALA A 38 11.85 1.97 5.69
CA ALA A 38 13.06 1.85 6.48
C ALA A 38 13.71 0.61 5.86
N GLY A 39 15.05 0.57 5.87
CA GLY A 39 15.74 -0.57 5.32
C GLY A 39 16.31 -1.46 6.41
N MET A 40 17.37 -2.18 6.07
CA MET A 40 18.06 -3.07 6.98
C MET A 40 19.56 -3.01 6.77
N THR A 41 20.29 -3.17 7.86
CA THR A 41 21.76 -3.13 7.86
C THR A 41 22.23 -3.97 9.03
N ASN A 42 22.81 -5.12 8.73
CA ASN A 42 23.30 -6.00 9.76
C ASN A 42 22.13 -6.60 10.53
N HIS A 43 21.11 -7.05 9.82
CA HIS A 43 19.96 -7.64 10.49
C HIS A 43 19.35 -6.63 11.46
N GLN A 44 19.52 -5.34 11.15
CA GLN A 44 18.98 -4.26 11.97
C GLN A 44 18.16 -3.26 11.18
N LEU A 45 17.11 -2.76 11.81
CA LEU A 45 16.24 -1.77 11.20
C LEU A 45 17.05 -0.48 11.00
N SER A 46 16.94 0.17 9.84
CA SER A 46 17.72 1.39 9.62
C SER A 46 17.08 2.43 8.69
N THR A 47 17.57 3.67 8.75
CA THR A 47 17.03 4.72 7.89
C THR A 47 17.44 4.51 6.42
N THR A 48 16.92 5.35 5.52
CA THR A 48 17.21 5.25 4.09
C THR A 48 17.39 6.63 3.45
N GLU A 49 17.09 7.70 4.17
CA GLU A 49 17.28 9.04 3.65
C GLU A 49 18.16 9.84 4.61
N TRP A 50 18.85 10.84 4.07
CA TRP A 50 19.74 11.67 4.87
C TRP A 50 19.03 12.45 5.97
N ASN A 51 17.69 12.41 5.97
CA ASN A 51 16.95 13.16 6.96
C ASN A 51 15.82 12.38 7.63
N ASP A 52 15.90 11.06 7.65
CA ASP A 52 14.85 10.26 8.28
C ASP A 52 14.64 10.54 9.78
N GLU A 53 15.68 10.87 10.51
CA GLU A 53 15.51 11.16 11.93
C GLU A 53 14.69 12.43 12.10
N THR A 54 14.91 13.41 11.24
CA THR A 54 14.18 14.66 11.34
C THR A 54 12.72 14.45 10.93
N LEU A 55 12.54 13.63 9.90
CA LEU A 55 11.19 13.34 9.41
C LEU A 55 10.50 12.49 10.45
N TYR A 56 11.19 11.50 10.99
CA TYR A 56 10.59 10.68 12.04
C TYR A 56 9.99 11.60 13.11
N GLN A 57 10.76 12.63 13.51
CA GLN A 57 10.35 13.59 14.53
C GLN A 57 9.12 14.37 14.18
N GLU A 58 9.04 14.86 12.94
CA GLU A 58 7.87 15.61 12.49
C GLU A 58 6.71 14.62 12.34
N PHE A 59 7.00 13.48 11.75
CA PHE A 59 6.00 12.45 11.56
C PHE A 59 5.32 12.17 12.91
N ASN A 60 6.09 11.69 13.88
CA ASN A 60 5.53 11.35 15.17
C ASN A 60 5.10 12.52 16.04
N GLY A 61 5.66 13.69 15.80
CA GLY A 61 5.29 14.86 16.57
C GLY A 61 3.84 15.23 16.29
N LEU A 62 3.31 14.73 15.17
CA LEU A 62 1.93 15.02 14.80
C LEU A 62 0.98 14.52 15.89
N LYS A 63 1.37 13.48 16.61
CA LYS A 63 0.54 12.93 17.69
C LYS A 63 0.32 13.93 18.85
N LYS A 64 1.06 15.02 18.85
CA LYS A 64 0.89 16.02 19.88
C LYS A 64 -0.36 16.80 19.50
N MET A 65 -0.59 16.97 18.21
CA MET A 65 -1.75 17.71 17.75
C MET A 65 -2.94 16.76 17.65
N ASN A 66 -2.64 15.48 17.64
CA ASN A 66 -3.68 14.48 17.60
C ASN A 66 -3.18 13.19 18.24
N PRO A 67 -3.32 13.08 19.57
CA PRO A 67 -2.92 11.96 20.43
C PRO A 67 -3.61 10.65 20.09
N LYS A 68 -4.62 10.70 19.23
CA LYS A 68 -5.32 9.48 18.86
C LYS A 68 -4.66 8.79 17.67
N LEU A 69 -3.82 9.55 16.97
CA LEU A 69 -3.11 9.04 15.81
C LEU A 69 -2.10 7.93 16.22
N LYS A 70 -1.97 6.92 15.37
CA LYS A 70 -1.04 5.80 15.59
C LYS A 70 -0.09 5.75 14.39
N THR A 71 1.21 5.82 14.65
CA THR A 71 2.22 5.78 13.60
C THR A 71 2.95 4.44 13.58
N LEU A 72 3.44 4.05 12.42
CA LEU A 72 4.20 2.83 12.27
C LEU A 72 5.30 3.03 11.22
N LEU A 73 6.35 2.25 11.36
CA LEU A 73 7.46 2.30 10.43
C LEU A 73 7.35 1.06 9.57
N ALA A 74 7.45 1.22 8.26
CA ALA A 74 7.37 0.07 7.37
C ALA A 74 8.77 -0.32 6.86
N ILE A 75 9.12 -1.59 7.00
CA ILE A 75 10.40 -2.10 6.53
C ILE A 75 10.14 -2.87 5.24
N GLY A 76 11.00 -2.69 4.24
CA GLY A 76 10.85 -3.41 2.99
C GLY A 76 10.52 -2.62 1.73
N GLY A 77 9.55 -3.14 1.00
CA GLY A 77 9.14 -2.50 -0.22
C GLY A 77 9.43 -3.32 -1.45
N TRP A 78 8.71 -3.05 -2.52
CA TRP A 78 8.92 -3.78 -3.74
C TRP A 78 10.41 -3.83 -4.13
N ASN A 79 11.06 -2.67 -4.18
CA ASN A 79 12.47 -2.61 -4.55
C ASN A 79 13.49 -2.92 -3.48
N PHE A 80 13.05 -3.54 -2.39
CA PHE A 80 13.97 -3.86 -1.32
C PHE A 80 14.62 -5.18 -1.64
N GLY A 81 13.83 -6.08 -2.21
CA GLY A 81 14.30 -7.41 -2.55
C GLY A 81 13.90 -8.36 -1.44
N THR A 82 14.29 -9.62 -1.55
CA THR A 82 13.96 -10.57 -0.49
C THR A 82 15.24 -10.96 0.24
N GLN A 83 16.34 -10.86 -0.49
CA GLN A 83 17.66 -11.21 0.01
C GLN A 83 17.83 -10.91 1.51
N LYS A 84 17.95 -9.64 1.89
CA LYS A 84 18.14 -9.26 3.30
C LYS A 84 17.13 -9.81 4.31
N PHE A 85 15.91 -10.06 3.87
CA PHE A 85 14.89 -10.61 4.77
C PHE A 85 15.18 -12.07 5.05
N THR A 86 15.28 -12.84 3.96
CA THR A 86 15.55 -14.27 4.03
C THR A 86 16.79 -14.58 4.86
N ASP A 87 17.80 -13.72 4.74
CA ASP A 87 19.03 -13.89 5.50
C ASP A 87 18.82 -13.58 6.98
N MET A 88 18.08 -12.51 7.27
CA MET A 88 17.81 -12.11 8.65
C MET A 88 16.94 -13.09 9.43
N VAL A 89 15.98 -13.74 8.77
CA VAL A 89 15.10 -14.68 9.45
C VAL A 89 15.65 -16.08 9.39
N ALA A 90 16.88 -16.19 8.92
CA ALA A 90 17.56 -17.48 8.80
C ALA A 90 17.99 -18.06 10.13
N THR A 91 18.47 -17.21 11.04
CA THR A 91 18.93 -17.69 12.35
C THR A 91 18.39 -16.95 13.56
N ALA A 92 18.20 -17.72 14.64
CA ALA A 92 17.69 -17.19 15.89
C ALA A 92 18.38 -15.89 16.24
N ASN A 93 19.70 -15.94 16.37
CA ASN A 93 20.47 -14.75 16.72
C ASN A 93 20.24 -13.60 15.73
N ASN A 94 19.84 -13.94 14.51
CA ASN A 94 19.57 -12.90 13.52
C ASN A 94 18.17 -12.33 13.72
N ARG A 95 17.17 -13.20 13.86
CA ARG A 95 15.83 -12.73 14.11
C ARG A 95 15.87 -11.85 15.37
N GLN A 96 16.59 -12.31 16.39
CA GLN A 96 16.71 -11.55 17.64
C GLN A 96 17.41 -10.20 17.49
N THR A 97 18.49 -10.17 16.74
CA THR A 97 19.22 -8.92 16.54
C THR A 97 18.27 -7.89 15.94
N PHE A 98 17.47 -8.33 14.97
CA PHE A 98 16.50 -7.48 14.30
C PHE A 98 15.42 -6.99 15.28
N VAL A 99 14.64 -7.94 15.80
CA VAL A 99 13.58 -7.66 16.76
C VAL A 99 14.03 -6.65 17.82
N ASN A 100 15.16 -6.91 18.45
CA ASN A 100 15.66 -5.99 19.47
C ASN A 100 15.95 -4.62 18.89
N SER A 101 16.45 -4.58 17.67
CA SER A 101 16.74 -3.29 17.04
C SER A 101 15.41 -2.62 16.71
N ALA A 102 14.44 -3.40 16.22
CA ALA A 102 13.12 -2.87 15.89
C ALA A 102 12.54 -2.13 17.11
N ILE A 103 12.45 -2.86 18.22
CA ILE A 103 11.94 -2.30 19.45
C ILE A 103 12.67 -1.03 19.84
N ARG A 104 13.98 -1.12 20.01
CA ARG A 104 14.76 0.04 20.39
C ARG A 104 14.63 1.20 19.40
N PHE A 105 14.52 0.87 18.11
CA PHE A 105 14.39 1.86 17.04
C PHE A 105 13.01 2.55 17.10
N LEU A 106 11.95 1.76 17.18
CA LEU A 106 10.61 2.30 17.23
C LEU A 106 10.42 3.22 18.45
N ARG A 107 10.87 2.78 19.62
CA ARG A 107 10.77 3.57 20.84
C ARG A 107 11.61 4.85 20.72
N LYS A 108 12.86 4.69 20.28
CA LYS A 108 13.79 5.79 20.12
C LYS A 108 13.11 6.97 19.44
N TYR A 109 12.44 6.71 18.33
CA TYR A 109 11.80 7.77 17.54
C TYR A 109 10.29 7.98 17.73
N SER A 110 9.67 7.20 18.60
CA SER A 110 8.25 7.35 18.90
C SER A 110 7.31 6.78 17.88
N PHE A 111 7.65 5.62 17.33
CA PHE A 111 6.77 4.96 16.37
C PHE A 111 5.93 4.03 17.21
N ASP A 112 4.65 3.89 16.85
CA ASP A 112 3.80 3.02 17.63
C ASP A 112 3.87 1.58 17.17
N GLY A 113 4.51 1.35 16.03
CA GLY A 113 4.57 -0.01 15.56
C GLY A 113 5.41 -0.25 14.32
N LEU A 114 5.40 -1.50 13.91
CA LEU A 114 6.15 -1.96 12.76
C LEU A 114 5.25 -2.63 11.74
N ASP A 115 5.37 -2.15 10.51
CA ASP A 115 4.61 -2.69 9.40
C ASP A 115 5.59 -3.39 8.45
N LEU A 116 5.46 -4.71 8.37
CA LEU A 116 6.30 -5.52 7.51
C LEU A 116 5.85 -5.50 6.06
N ASP A 117 6.77 -5.22 5.16
CA ASP A 117 6.50 -5.21 3.73
C ASP A 117 7.62 -5.94 2.98
N TRP A 118 7.62 -7.27 3.10
CA TRP A 118 8.60 -8.13 2.45
C TRP A 118 7.90 -8.60 1.20
N GLU A 119 8.47 -8.29 0.04
CA GLU A 119 7.83 -8.67 -1.21
C GLU A 119 8.67 -9.63 -2.04
N TYR A 120 8.47 -10.92 -1.85
CA TYR A 120 7.52 -11.44 -0.89
C TYR A 120 8.11 -12.74 -0.39
N PRO A 121 7.70 -13.17 0.81
CA PRO A 121 8.18 -14.42 1.39
C PRO A 121 7.70 -15.57 0.49
N GLY A 122 8.62 -16.27 -0.16
CA GLY A 122 8.24 -17.38 -1.00
C GLY A 122 8.33 -17.15 -2.49
N SER A 123 8.83 -15.98 -2.90
CA SER A 123 8.94 -15.64 -4.31
C SER A 123 10.08 -14.67 -4.46
N GLN A 124 10.29 -14.21 -5.68
CA GLN A 124 11.34 -13.24 -6.00
C GLN A 124 12.73 -13.64 -5.47
N GLY A 125 12.98 -14.95 -5.40
CA GLY A 125 14.27 -15.40 -4.89
C GLY A 125 14.15 -15.89 -3.46
N SER A 126 12.92 -16.09 -3.03
CA SER A 126 12.69 -16.56 -1.68
C SER A 126 12.30 -18.04 -1.72
N PRO A 127 13.02 -18.87 -0.96
CA PRO A 127 12.82 -20.31 -0.84
C PRO A 127 11.49 -20.54 -0.16
N ALA A 128 10.74 -21.53 -0.61
CA ALA A 128 9.44 -21.80 -0.01
C ALA A 128 9.59 -22.00 1.49
N VAL A 129 10.83 -22.14 1.95
CA VAL A 129 11.08 -22.31 3.38
C VAL A 129 10.81 -20.98 4.10
N ASP A 130 10.90 -19.87 3.34
CA ASP A 130 10.67 -18.54 3.88
C ASP A 130 9.20 -18.31 4.19
N LYS A 131 8.37 -19.29 3.83
CA LYS A 131 6.95 -19.19 4.11
C LYS A 131 6.78 -19.33 5.62
N GLU A 132 7.44 -20.34 6.21
CA GLU A 132 7.35 -20.57 7.65
C GLU A 132 8.31 -19.70 8.47
N ARG A 133 9.40 -19.27 7.85
CA ARG A 133 10.34 -18.41 8.58
C ARG A 133 9.68 -17.05 8.79
N PHE A 134 8.70 -16.74 7.95
CA PHE A 134 7.97 -15.48 8.04
C PHE A 134 7.09 -15.55 9.28
N THR A 135 6.35 -16.64 9.37
CA THR A 135 5.47 -16.90 10.49
C THR A 135 6.23 -16.87 11.81
N THR A 136 7.51 -17.18 11.75
CA THR A 136 8.32 -17.17 12.95
C THR A 136 8.64 -15.73 13.30
N LEU A 137 9.11 -15.01 12.28
CA LEU A 137 9.46 -13.59 12.41
C LEU A 137 8.26 -12.84 12.96
N VAL A 138 7.07 -13.21 12.51
CA VAL A 138 5.86 -12.57 13.01
C VAL A 138 5.65 -12.95 14.48
N GLN A 139 5.57 -14.24 14.78
CA GLN A 139 5.37 -14.63 16.17
C GLN A 139 6.42 -14.02 17.07
N ASP A 140 7.66 -13.96 16.57
CA ASP A 140 8.77 -13.41 17.35
C ASP A 140 8.55 -11.95 17.70
N LEU A 141 8.19 -11.16 16.68
CA LEU A 141 7.95 -9.72 16.86
C LEU A 141 6.79 -9.53 17.82
N ALA A 142 5.71 -10.25 17.56
CA ALA A 142 4.53 -10.18 18.40
C ALA A 142 4.93 -10.41 19.85
N ASN A 143 5.62 -11.51 20.10
CA ASN A 143 6.05 -11.88 21.47
C ASN A 143 6.95 -10.82 22.13
N ALA A 144 8.00 -10.38 21.43
CA ALA A 144 8.89 -9.38 22.00
C ALA A 144 8.16 -8.07 22.29
N PHE A 145 7.14 -7.81 21.46
CA PHE A 145 6.33 -6.60 21.60
C PHE A 145 5.49 -6.68 22.87
N GLN A 146 4.85 -7.83 23.06
CA GLN A 146 4.03 -8.06 24.22
C GLN A 146 4.85 -8.04 25.51
N GLN A 147 6.06 -8.54 25.44
CA GLN A 147 6.92 -8.57 26.63
C GLN A 147 7.43 -7.16 26.91
N GLU A 148 7.85 -6.47 25.87
CA GLU A 148 8.37 -5.12 26.02
C GLU A 148 7.32 -4.24 26.70
N ALA A 149 6.12 -4.25 26.14
CA ALA A 149 5.01 -3.45 26.65
C ALA A 149 4.84 -3.60 28.17
N GLN A 150 4.95 -4.83 28.66
CA GLN A 150 4.79 -5.10 30.08
C GLN A 150 5.98 -4.56 30.89
N THR A 151 7.21 -4.84 30.46
CA THR A 151 8.38 -4.36 31.20
C THR A 151 8.56 -2.83 31.12
N SER A 152 8.28 -2.23 29.97
CA SER A 152 8.43 -0.79 29.80
C SER A 152 7.24 0.01 30.29
N GLY A 153 6.09 -0.65 30.40
CA GLY A 153 4.89 0.03 30.83
C GLY A 153 4.30 1.01 29.83
N LYS A 154 4.59 0.82 28.54
CA LYS A 154 4.06 1.70 27.49
C LYS A 154 3.01 0.95 26.66
N GLU A 155 2.34 1.65 25.74
CA GLU A 155 1.33 0.98 24.91
C GLU A 155 2.05 -0.02 23.99
N ARG A 156 1.62 -1.27 24.03
CA ARG A 156 2.23 -2.32 23.22
C ARG A 156 2.44 -1.97 21.74
N LEU A 157 3.69 -2.08 21.29
CA LEU A 157 4.01 -1.82 19.89
C LEU A 157 3.05 -2.62 18.99
N LEU A 158 2.62 -2.00 17.90
CA LEU A 158 1.71 -2.63 16.96
C LEU A 158 2.44 -3.36 15.84
N LEU A 159 1.84 -4.44 15.34
CA LEU A 159 2.43 -5.23 14.25
C LEU A 159 1.48 -5.42 13.09
N SER A 160 1.92 -5.03 11.89
CA SER A 160 1.11 -5.20 10.69
C SER A 160 2.01 -5.61 9.55
N ALA A 161 1.38 -6.08 8.47
CA ALA A 161 2.12 -6.49 7.28
C ALA A 161 1.30 -6.16 6.03
N ALA A 162 2.00 -5.72 4.99
CA ALA A 162 1.37 -5.41 3.73
C ALA A 162 1.39 -6.76 2.99
N VAL A 163 0.25 -7.16 2.43
CA VAL A 163 0.21 -8.46 1.74
C VAL A 163 -0.29 -8.35 0.31
N PRO A 164 0.18 -9.28 -0.54
CA PRO A 164 -0.16 -9.37 -1.96
C PRO A 164 -1.55 -9.93 -2.14
N ALA A 165 -2.18 -9.60 -3.26
CA ALA A 165 -3.51 -10.09 -3.56
C ALA A 165 -3.43 -11.45 -4.28
N GLY A 166 -2.51 -11.57 -5.23
CA GLY A 166 -2.36 -12.78 -6.03
C GLY A 166 -2.36 -14.15 -5.35
N GLN A 167 -3.27 -15.03 -5.78
CA GLN A 167 -3.38 -16.38 -5.22
C GLN A 167 -2.01 -17.07 -5.16
N THR A 168 -1.23 -16.88 -6.22
CA THR A 168 0.09 -17.51 -6.30
C THR A 168 1.04 -17.14 -5.19
N TYR A 169 1.12 -15.83 -4.94
CA TYR A 169 2.02 -15.30 -3.93
C TYR A 169 1.58 -15.67 -2.53
N VAL A 170 0.27 -15.67 -2.30
CA VAL A 170 -0.27 -16.01 -0.98
C VAL A 170 0.10 -17.44 -0.62
N ASP A 171 -0.12 -18.35 -1.55
CA ASP A 171 0.20 -19.75 -1.35
C ASP A 171 1.69 -19.97 -1.16
N ALA A 172 2.50 -19.28 -1.96
CA ALA A 172 3.94 -19.41 -1.90
C ALA A 172 4.56 -19.08 -0.56
N GLY A 173 4.06 -18.06 0.13
CA GLY A 173 4.70 -17.72 1.40
C GLY A 173 3.91 -17.26 2.61
N TYR A 174 2.58 -17.35 2.57
CA TYR A 174 1.80 -16.89 3.71
C TYR A 174 0.95 -17.95 4.41
N GLU A 175 1.20 -18.10 5.72
CA GLU A 175 0.42 -19.02 6.54
C GLU A 175 -0.66 -18.07 7.06
N VAL A 176 -1.58 -17.68 6.16
CA VAL A 176 -2.64 -16.72 6.47
C VAL A 176 -3.19 -16.85 7.86
N ASP A 177 -3.75 -18.02 8.15
CA ASP A 177 -4.34 -18.27 9.45
C ASP A 177 -3.41 -18.04 10.65
N LYS A 178 -2.17 -18.49 10.58
CA LYS A 178 -1.26 -18.35 11.70
C LYS A 178 -0.69 -16.98 11.87
N ILE A 179 -0.54 -16.22 10.78
CA ILE A 179 0.02 -14.89 10.94
C ILE A 179 -1.05 -13.89 11.38
N ALA A 180 -2.27 -14.07 10.86
CA ALA A 180 -3.39 -13.21 11.19
C ALA A 180 -3.61 -13.15 12.70
N GLN A 181 -3.21 -14.19 13.43
CA GLN A 181 -3.39 -14.20 14.86
C GLN A 181 -2.38 -13.31 15.57
N ASN A 182 -1.26 -13.04 14.91
CA ASN A 182 -0.23 -12.20 15.52
C ASN A 182 -0.11 -10.81 14.92
N LEU A 183 -0.76 -10.62 13.80
CA LEU A 183 -0.76 -9.32 13.16
C LEU A 183 -1.94 -8.53 13.71
N ASP A 184 -1.71 -7.29 14.12
CA ASP A 184 -2.78 -6.45 14.65
C ASP A 184 -3.78 -6.12 13.54
N PHE A 185 -3.28 -6.06 12.32
CA PHE A 185 -4.13 -5.86 11.16
C PHE A 185 -3.30 -6.17 9.95
N VAL A 186 -3.99 -6.47 8.87
CA VAL A 186 -3.35 -6.82 7.63
C VAL A 186 -3.71 -5.79 6.57
N ASN A 187 -2.69 -5.20 5.96
CA ASN A 187 -2.89 -4.20 4.93
C ASN A 187 -2.86 -4.90 3.56
N LEU A 188 -4.05 -5.16 3.01
CA LEU A 188 -4.13 -5.84 1.71
C LEU A 188 -3.83 -4.89 0.56
N MET A 189 -2.92 -5.31 -0.31
CA MET A 189 -2.56 -4.48 -1.46
C MET A 189 -3.39 -4.87 -2.69
N ALA A 190 -4.66 -4.47 -2.68
CA ALA A 190 -5.58 -4.77 -3.76
C ALA A 190 -5.46 -3.76 -4.88
N TYR A 191 -4.37 -3.88 -5.62
CA TYR A 191 -4.10 -3.03 -6.77
C TYR A 191 -2.95 -3.64 -7.56
N ASP A 192 -2.57 -3.02 -8.67
CA ASP A 192 -1.50 -3.53 -9.52
C ASP A 192 -1.96 -4.84 -10.15
N PHE A 193 -3.27 -5.05 -10.19
CA PHE A 193 -3.81 -6.28 -10.75
C PHE A 193 -3.46 -6.35 -12.23
N HIS A 194 -3.31 -5.17 -12.83
CA HIS A 194 -2.98 -5.03 -14.23
C HIS A 194 -2.05 -3.83 -14.38
N GLY A 195 -1.09 -3.94 -15.29
CA GLY A 195 -0.14 -2.87 -15.50
C GLY A 195 0.51 -2.91 -16.86
N SER A 196 1.46 -2.00 -17.09
CA SER A 196 2.14 -1.90 -18.38
C SER A 196 3.04 -3.07 -18.71
N TRP A 197 3.09 -4.07 -17.85
CA TRP A 197 3.90 -5.22 -18.18
C TRP A 197 3.02 -6.06 -19.09
N GLU A 198 1.75 -6.24 -18.76
CA GLU A 198 0.85 -7.00 -19.63
C GLU A 198 0.83 -6.26 -21.01
N LYS A 199 0.38 -6.94 -22.06
CA LYS A 199 0.35 -6.37 -23.41
C LYS A 199 -1.01 -5.76 -23.84
N VAL A 200 -1.96 -5.80 -22.91
CA VAL A 200 -3.29 -5.27 -23.13
C VAL A 200 -3.74 -4.35 -21.98
N THR A 201 -4.40 -3.25 -22.29
CA THR A 201 -4.84 -2.31 -21.26
C THR A 201 -5.82 -2.94 -20.28
N GLY A 202 -5.47 -2.90 -18.99
CA GLY A 202 -6.28 -3.43 -17.91
C GLY A 202 -6.28 -2.47 -16.73
N HIS A 203 -7.14 -2.69 -15.75
CA HIS A 203 -7.17 -1.75 -14.63
C HIS A 203 -6.28 -2.13 -13.40
N ASN A 204 -5.66 -1.11 -12.83
CA ASN A 204 -4.81 -1.24 -11.67
C ASN A 204 -5.61 -1.79 -10.47
N SER A 205 -6.81 -1.27 -10.25
CA SER A 205 -7.57 -1.75 -9.10
C SER A 205 -9.09 -1.89 -9.31
N PRO A 206 -9.49 -2.85 -10.14
CA PRO A 206 -10.92 -3.10 -10.41
C PRO A 206 -11.59 -3.83 -9.23
N LEU A 207 -12.78 -3.40 -8.85
CA LEU A 207 -13.46 -4.03 -7.72
C LEU A 207 -13.98 -5.42 -8.09
N TYR A 208 -14.50 -5.53 -9.32
CA TYR A 208 -15.05 -6.79 -9.83
C TYR A 208 -14.43 -7.13 -11.18
N LYS A 209 -14.58 -8.40 -11.60
CA LYS A 209 -14.06 -8.87 -12.90
C LYS A 209 -15.04 -8.46 -14.02
N ARG A 210 -14.58 -8.51 -15.27
CA ARG A 210 -15.46 -8.18 -16.39
C ARG A 210 -16.09 -9.52 -16.77
N GLN A 211 -17.30 -9.48 -17.33
CA GLN A 211 -17.97 -10.70 -17.73
C GLN A 211 -17.00 -11.58 -18.51
N GLU A 212 -16.18 -10.94 -19.35
CA GLU A 212 -15.20 -11.60 -20.22
C GLU A 212 -13.99 -12.25 -19.57
N GLN A 213 -13.99 -12.43 -18.25
CA GLN A 213 -12.82 -13.04 -17.63
C GLN A 213 -13.08 -14.36 -16.91
N SER A 214 -12.34 -15.40 -17.29
CA SER A 214 -12.49 -16.70 -16.64
C SER A 214 -11.14 -17.23 -16.17
N GLY A 215 -11.15 -17.97 -15.06
CA GLY A 215 -9.93 -18.54 -14.53
C GLY A 215 -9.12 -17.60 -13.66
N ALA A 216 -7.80 -17.73 -13.69
CA ALA A 216 -6.95 -16.87 -12.90
C ALA A 216 -7.12 -15.43 -13.38
N ALA A 217 -7.56 -15.25 -14.62
CA ALA A 217 -7.77 -13.91 -15.15
C ALA A 217 -8.91 -13.24 -14.38
N ALA A 218 -9.76 -14.06 -13.78
CA ALA A 218 -10.88 -13.57 -13.02
C ALA A 218 -10.37 -12.95 -11.73
N SER A 219 -9.74 -13.78 -10.90
CA SER A 219 -9.21 -13.33 -9.62
C SER A 219 -8.52 -11.95 -9.59
N LEU A 220 -8.01 -11.50 -10.73
CA LEU A 220 -7.34 -10.21 -10.82
C LEU A 220 -8.24 -8.99 -10.53
N ASN A 221 -8.90 -9.00 -9.37
CA ASN A 221 -9.78 -7.91 -8.95
C ASN A 221 -9.82 -7.88 -7.43
N VAL A 222 -10.21 -6.74 -6.86
CA VAL A 222 -10.27 -6.55 -5.42
C VAL A 222 -10.99 -7.63 -4.63
N ASP A 223 -12.26 -7.83 -4.98
CA ASP A 223 -13.13 -8.80 -4.35
C ASP A 223 -12.48 -10.18 -4.25
N ALA A 224 -11.95 -10.69 -5.35
CA ALA A 224 -11.29 -11.99 -5.30
C ALA A 224 -10.21 -11.98 -4.20
N ALA A 225 -9.36 -10.95 -4.23
CA ALA A 225 -8.27 -10.82 -3.28
C ALA A 225 -8.82 -10.76 -1.87
N VAL A 226 -9.87 -9.97 -1.69
CA VAL A 226 -10.47 -9.86 -0.36
C VAL A 226 -11.03 -11.22 0.08
N GLN A 227 -11.88 -11.82 -0.76
CA GLN A 227 -12.47 -13.10 -0.44
C GLN A 227 -11.42 -14.13 -0.12
N GLN A 228 -10.30 -14.07 -0.83
CA GLN A 228 -9.23 -15.02 -0.57
C GLN A 228 -8.67 -14.89 0.83
N TRP A 229 -8.41 -13.67 1.29
CA TRP A 229 -7.85 -13.51 2.62
C TRP A 229 -8.82 -13.87 3.74
N LEU A 230 -10.08 -13.52 3.55
CA LEU A 230 -11.08 -13.85 4.52
C LEU A 230 -11.18 -15.38 4.58
N GLN A 231 -11.55 -15.99 3.45
CA GLN A 231 -11.69 -17.43 3.36
C GLN A 231 -10.49 -18.25 3.76
N LYS A 232 -9.36 -17.60 4.08
CA LYS A 232 -8.16 -18.33 4.49
C LYS A 232 -7.79 -18.08 5.94
N GLY A 233 -8.70 -17.49 6.70
CA GLY A 233 -8.41 -17.32 8.10
C GLY A 233 -8.20 -15.91 8.61
N THR A 234 -8.42 -14.92 7.76
CA THR A 234 -8.23 -13.54 8.22
C THR A 234 -9.54 -12.95 8.75
N PRO A 235 -9.56 -12.63 10.06
CA PRO A 235 -10.76 -12.04 10.67
C PRO A 235 -11.06 -10.80 9.83
N ALA A 236 -12.27 -10.68 9.34
CA ALA A 236 -12.61 -9.54 8.49
C ALA A 236 -12.18 -8.20 9.06
N SER A 237 -12.29 -8.07 10.39
CA SER A 237 -11.97 -6.84 11.11
C SER A 237 -10.48 -6.50 11.16
N LYS A 238 -9.66 -7.45 10.76
CA LYS A 238 -8.24 -7.24 10.76
C LYS A 238 -7.79 -6.95 9.34
N LEU A 239 -8.66 -7.24 8.39
CA LEU A 239 -8.34 -7.05 7.00
C LEU A 239 -8.69 -5.62 6.56
N ILE A 240 -7.65 -4.85 6.27
CA ILE A 240 -7.79 -3.46 5.81
C ILE A 240 -7.66 -3.44 4.27
N LEU A 241 -8.71 -2.95 3.61
CA LEU A 241 -8.75 -2.88 2.14
C LEU A 241 -7.96 -1.73 1.53
N GLY A 242 -6.85 -2.06 0.87
CA GLY A 242 -6.01 -1.04 0.27
C GLY A 242 -6.55 -0.49 -1.02
N MET A 243 -6.34 0.81 -1.21
CA MET A 243 -6.79 1.51 -2.41
C MET A 243 -5.62 2.38 -2.87
N PRO A 244 -5.51 2.61 -4.19
CA PRO A 244 -4.43 3.42 -4.75
C PRO A 244 -4.76 4.84 -5.14
N THR A 245 -3.87 5.77 -4.83
CA THR A 245 -4.10 7.14 -5.25
C THR A 245 -3.32 7.40 -6.52
N TYR A 246 -2.92 6.30 -7.18
CA TYR A 246 -2.18 6.33 -8.45
C TYR A 246 -2.90 5.37 -9.39
N GLY A 247 -2.65 5.53 -10.70
CA GLY A 247 -3.25 4.65 -11.69
C GLY A 247 -2.14 4.15 -12.61
N ARG A 248 -2.41 3.11 -13.40
CA ARG A 248 -1.39 2.58 -14.30
C ARG A 248 -1.71 2.84 -15.77
N SER A 249 -0.74 3.41 -16.46
CA SER A 249 -0.85 3.81 -17.85
C SER A 249 -0.28 2.84 -18.86
N PHE A 250 -0.70 3.03 -20.11
CA PHE A 250 -0.24 2.22 -21.24
C PHE A 250 -0.14 3.13 -22.46
N THR A 251 0.72 2.78 -23.41
CA THR A 251 0.75 3.53 -24.65
C THR A 251 -0.05 2.62 -25.60
N LEU A 252 -1.07 3.18 -26.24
CA LEU A 252 -1.91 2.40 -27.16
C LEU A 252 -1.26 2.15 -28.53
N ALA A 253 -1.36 0.91 -29.01
CA ALA A 253 -0.81 0.55 -30.31
C ALA A 253 -1.46 1.44 -31.36
N SER A 254 -2.74 1.73 -31.16
CA SER A 254 -3.51 2.60 -32.04
C SER A 254 -4.62 3.31 -31.27
N SER A 255 -4.68 4.63 -31.43
CA SER A 255 -5.69 5.44 -30.75
C SER A 255 -7.09 5.21 -31.30
N SER A 256 -7.18 4.34 -32.30
CA SER A 256 -8.45 3.99 -32.91
C SER A 256 -9.13 3.02 -31.95
N ASP A 257 -8.32 2.19 -31.28
CA ASP A 257 -8.82 1.22 -30.31
C ASP A 257 -8.41 1.60 -28.89
N THR A 258 -9.38 2.13 -28.13
CA THR A 258 -9.15 2.61 -26.77
C THR A 258 -9.98 1.95 -25.67
N ARG A 259 -10.40 0.71 -25.87
CA ARG A 259 -11.21 0.04 -24.87
C ARG A 259 -10.37 -0.62 -23.79
N VAL A 260 -11.01 -1.26 -22.84
CA VAL A 260 -10.30 -1.96 -21.77
C VAL A 260 -9.93 -3.39 -22.20
N GLY A 261 -8.88 -3.50 -22.99
CA GLY A 261 -8.45 -4.79 -23.47
C GLY A 261 -7.74 -4.59 -24.77
N ALA A 262 -7.61 -3.31 -25.14
CA ALA A 262 -6.95 -2.93 -26.37
C ALA A 262 -5.44 -3.22 -26.33
N PRO A 263 -4.81 -3.35 -27.50
CA PRO A 263 -3.37 -3.62 -27.61
C PRO A 263 -2.55 -2.40 -27.20
N ALA A 264 -1.54 -2.67 -26.37
CA ALA A 264 -0.65 -1.64 -25.85
C ALA A 264 0.81 -1.90 -26.25
N THR A 265 1.43 -0.89 -26.84
CA THR A 265 2.82 -1.00 -27.28
C THR A 265 3.76 -0.94 -26.07
N GLY A 266 3.20 -0.71 -24.89
CA GLY A 266 4.00 -0.66 -23.69
C GLY A 266 3.45 0.31 -22.65
N SER A 267 4.29 0.72 -21.70
CA SER A 267 3.91 1.63 -20.62
C SER A 267 3.52 3.01 -21.11
N GLY A 268 2.75 3.72 -20.31
CA GLY A 268 2.32 5.06 -20.69
C GLY A 268 3.42 6.10 -20.46
N THR A 269 3.31 7.24 -21.11
CA THR A 269 4.31 8.29 -20.94
C THR A 269 4.52 8.60 -19.45
N PRO A 270 5.78 8.76 -19.02
CA PRO A 270 5.99 9.07 -17.59
C PRO A 270 5.21 10.35 -17.27
N GLY A 271 4.76 10.48 -16.02
CA GLY A 271 4.05 11.68 -15.60
C GLY A 271 5.09 12.73 -15.34
N PRO A 272 4.84 14.02 -15.63
CA PRO A 272 5.82 15.10 -15.42
C PRO A 272 6.40 15.25 -14.00
N PHE A 273 5.62 14.82 -13.01
CA PHE A 273 6.06 14.87 -11.62
C PHE A 273 6.56 13.54 -11.08
N THR A 274 5.91 12.44 -11.45
CA THR A 274 6.35 11.13 -10.94
C THR A 274 7.46 10.51 -11.77
N LYS A 275 7.53 10.91 -13.03
CA LYS A 275 8.57 10.46 -13.96
C LYS A 275 8.95 8.98 -13.92
N GLU A 276 7.93 8.12 -13.91
CA GLU A 276 8.12 6.68 -13.92
C GLU A 276 7.02 6.13 -14.81
N GLY A 277 7.39 5.83 -16.06
CA GLY A 277 6.43 5.30 -17.02
C GLY A 277 5.63 4.12 -16.53
N GLY A 278 4.35 4.09 -16.87
CA GLY A 278 3.49 3.00 -16.45
C GLY A 278 2.68 3.25 -15.19
N MET A 279 2.86 4.42 -14.59
CA MET A 279 2.11 4.82 -13.41
C MET A 279 1.95 6.31 -13.45
N LEU A 280 0.94 6.80 -12.75
CA LEU A 280 0.64 8.23 -12.71
C LEU A 280 -0.03 8.57 -11.39
N ALA A 281 0.40 9.67 -10.78
CA ALA A 281 -0.22 10.09 -9.53
C ALA A 281 -1.63 10.56 -9.91
N TYR A 282 -2.54 10.52 -8.94
CA TYR A 282 -3.91 10.95 -9.21
C TYR A 282 -3.89 12.40 -9.68
N TYR A 283 -3.06 13.24 -9.07
CA TYR A 283 -2.99 14.64 -9.47
C TYR A 283 -2.49 14.86 -10.88
N GLU A 284 -1.95 13.82 -11.51
CA GLU A 284 -1.47 13.94 -12.90
C GLU A 284 -2.60 13.56 -13.87
N VAL A 285 -3.47 12.69 -13.41
CA VAL A 285 -4.59 12.26 -14.21
C VAL A 285 -5.68 13.36 -14.25
N CYS A 286 -5.47 14.46 -13.52
CA CYS A 286 -6.42 15.60 -13.50
C CYS A 286 -6.09 16.68 -14.50
N SER A 287 -4.79 16.97 -14.60
CA SER A 287 -4.29 17.98 -15.51
C SER A 287 -4.71 17.63 -16.93
N TRP A 288 -5.15 16.40 -17.09
CA TRP A 288 -5.58 15.89 -18.38
C TRP A 288 -6.82 16.55 -18.95
N LYS A 289 -6.61 17.54 -19.79
CA LYS A 289 -7.74 18.21 -20.41
C LYS A 289 -7.81 17.79 -21.87
N GLY A 290 -9.03 17.61 -22.36
CA GLY A 290 -9.20 17.17 -23.73
C GLY A 290 -8.92 15.68 -23.80
N ALA A 291 -9.31 14.98 -22.74
CA ALA A 291 -9.14 13.52 -22.65
C ALA A 291 -10.52 12.92 -22.46
N THR A 292 -10.65 11.61 -22.57
CA THR A 292 -11.97 10.99 -22.44
C THR A 292 -12.13 10.01 -21.29
N LYS A 293 -12.96 10.38 -20.31
CA LYS A 293 -13.21 9.52 -19.14
C LYS A 293 -14.38 8.57 -19.41
N GLN A 294 -14.27 7.35 -18.89
CA GLN A 294 -15.28 6.31 -19.09
C GLN A 294 -15.24 5.47 -17.85
N ARG A 295 -16.28 4.69 -17.64
CA ARG A 295 -16.31 3.81 -16.49
C ARG A 295 -16.27 2.40 -17.02
N ILE A 296 -15.80 1.47 -16.22
CA ILE A 296 -15.76 0.08 -16.65
C ILE A 296 -16.86 -0.55 -15.84
N GLN A 297 -18.08 -0.35 -16.34
CA GLN A 297 -19.31 -0.85 -15.74
C GLN A 297 -19.18 -2.06 -14.82
N ASP A 298 -18.49 -3.10 -15.30
CA ASP A 298 -18.35 -4.31 -14.52
C ASP A 298 -17.44 -4.14 -13.31
N GLN A 299 -16.40 -3.32 -13.45
CA GLN A 299 -15.43 -3.15 -12.37
C GLN A 299 -15.62 -1.96 -11.44
N LYS A 300 -16.52 -1.06 -11.80
CA LYS A 300 -16.83 0.09 -10.96
C LYS A 300 -15.70 1.10 -10.77
N VAL A 301 -14.77 1.15 -11.72
CA VAL A 301 -13.64 2.09 -11.66
C VAL A 301 -13.49 2.78 -13.02
N PRO A 302 -12.89 3.98 -13.05
CA PRO A 302 -12.75 4.67 -14.34
C PRO A 302 -11.44 4.43 -15.09
N TYR A 303 -11.30 5.15 -16.19
CA TYR A 303 -10.10 5.10 -17.02
C TYR A 303 -10.22 6.18 -18.06
N ILE A 304 -9.10 6.69 -18.54
CA ILE A 304 -9.19 7.70 -19.58
C ILE A 304 -8.08 7.59 -20.61
N PHE A 305 -8.32 8.23 -21.76
CA PHE A 305 -7.37 8.24 -22.85
C PHE A 305 -7.35 9.58 -23.60
N ARG A 306 -6.20 9.92 -24.15
CA ARG A 306 -6.02 11.13 -24.95
C ARG A 306 -4.95 10.68 -25.94
N ASP A 307 -5.38 10.37 -27.17
CA ASP A 307 -4.52 9.87 -28.22
C ASP A 307 -4.13 8.41 -27.97
N ASN A 308 -2.84 8.19 -27.77
CA ASN A 308 -2.31 6.86 -27.53
C ASN A 308 -1.92 6.61 -26.07
N GLN A 309 -2.45 7.42 -25.17
CA GLN A 309 -2.20 7.29 -23.73
C GLN A 309 -3.45 6.79 -23.01
N TRP A 310 -3.35 5.63 -22.37
CA TRP A 310 -4.48 5.03 -21.66
C TRP A 310 -4.09 4.85 -20.20
N VAL A 311 -4.98 5.26 -19.28
CA VAL A 311 -4.69 5.13 -17.86
C VAL A 311 -5.86 4.66 -17.01
N GLY A 312 -5.69 3.52 -16.35
CA GLY A 312 -6.71 3.00 -15.46
C GLY A 312 -6.45 3.58 -14.08
N PHE A 313 -7.44 4.16 -13.44
CA PHE A 313 -7.23 4.75 -12.13
C PHE A 313 -8.47 4.75 -11.24
N ASP A 314 -8.34 5.40 -10.09
CA ASP A 314 -9.41 5.53 -9.12
C ASP A 314 -9.76 7.01 -8.91
N ASP A 315 -11.05 7.28 -8.74
CA ASP A 315 -11.48 8.63 -8.48
C ASP A 315 -12.34 8.65 -7.21
N VAL A 316 -12.98 9.78 -6.95
CA VAL A 316 -13.81 9.91 -5.76
C VAL A 316 -14.91 8.90 -5.76
N GLU A 317 -15.52 8.74 -6.92
CA GLU A 317 -16.62 7.82 -7.08
C GLU A 317 -16.16 6.41 -6.76
N SER A 318 -15.18 5.90 -7.50
CA SER A 318 -14.71 4.54 -7.24
C SER A 318 -14.26 4.33 -5.78
N PHE A 319 -13.79 5.38 -5.12
CA PHE A 319 -13.37 5.24 -3.73
C PHE A 319 -14.61 5.07 -2.85
N LYS A 320 -15.69 5.80 -3.18
CA LYS A 320 -16.94 5.68 -2.43
C LYS A 320 -17.52 4.29 -2.57
N THR A 321 -17.44 3.74 -3.79
CA THR A 321 -17.94 2.41 -4.09
C THR A 321 -17.22 1.40 -3.23
N LYS A 322 -15.89 1.50 -3.25
CA LYS A 322 -15.02 0.62 -2.51
C LYS A 322 -15.19 0.72 -1.00
N VAL A 323 -15.41 1.94 -0.50
CA VAL A 323 -15.58 2.08 0.95
C VAL A 323 -16.87 1.36 1.37
N SER A 324 -17.85 1.42 0.47
CA SER A 324 -19.12 0.76 0.69
C SER A 324 -19.01 -0.77 0.60
N TYR A 325 -18.15 -1.25 -0.28
CA TYR A 325 -17.97 -2.69 -0.42
C TYR A 325 -17.33 -3.32 0.82
N LEU A 326 -16.32 -2.66 1.37
CA LEU A 326 -15.63 -3.19 2.54
C LEU A 326 -16.59 -3.14 3.72
N LYS A 327 -17.44 -2.11 3.77
CA LYS A 327 -18.41 -1.99 4.87
C LYS A 327 -19.34 -3.20 4.79
N GLN A 328 -19.91 -3.43 3.60
CA GLN A 328 -20.79 -4.57 3.39
C GLN A 328 -20.07 -5.88 3.77
N LYS A 329 -18.74 -5.90 3.62
CA LYS A 329 -17.93 -7.09 3.95
C LYS A 329 -17.48 -7.18 5.42
N GLY A 330 -17.68 -6.10 6.17
CA GLY A 330 -17.27 -6.08 7.56
C GLY A 330 -15.77 -5.98 7.80
N LEU A 331 -15.03 -5.41 6.84
CA LEU A 331 -13.56 -5.25 6.94
C LEU A 331 -13.16 -4.19 7.96
N GLY A 332 -11.95 -4.30 8.52
CA GLY A 332 -11.48 -3.35 9.51
C GLY A 332 -11.30 -1.90 9.08
N GLY A 333 -11.31 -1.66 7.78
CA GLY A 333 -11.16 -0.31 7.27
C GLY A 333 -10.49 -0.23 5.92
N ALA A 334 -9.92 0.93 5.60
CA ALA A 334 -9.24 1.11 4.32
C ALA A 334 -7.73 1.38 4.52
N MET A 335 -6.96 1.09 3.48
CA MET A 335 -5.54 1.34 3.49
C MET A 335 -5.31 2.11 2.20
N VAL A 336 -4.41 3.08 2.23
CA VAL A 336 -4.16 3.84 1.04
C VAL A 336 -2.68 4.09 0.78
N TRP A 337 -2.35 3.91 -0.48
CA TRP A 337 -1.00 4.11 -0.98
C TRP A 337 -1.14 5.13 -2.10
N ALA A 338 -0.66 6.37 -1.91
CA ALA A 338 -0.01 6.88 -0.70
C ALA A 338 -0.45 8.35 -0.52
N LEU A 339 -0.38 8.86 0.71
CA LEU A 339 -0.81 10.24 1.02
C LEU A 339 -0.36 11.17 -0.10
N ASP A 340 0.87 10.87 -0.40
CA ASP A 340 1.78 11.34 -1.39
C ASP A 340 1.31 11.73 -2.81
N LEU A 341 0.53 10.83 -3.43
CA LEU A 341 0.06 10.93 -4.81
C LEU A 341 -1.38 11.41 -4.98
N ASP A 342 -2.09 11.63 -3.88
CA ASP A 342 -3.42 12.17 -3.91
C ASP A 342 -3.09 13.65 -4.19
N ASP A 343 -4.09 14.49 -4.46
CA ASP A 343 -3.84 15.92 -4.67
C ASP A 343 -3.77 16.52 -3.26
N PHE A 344 -2.73 16.15 -2.51
CA PHE A 344 -2.57 16.53 -1.10
C PHE A 344 -2.62 18.00 -0.75
N ALA A 345 -2.53 18.86 -1.75
CA ALA A 345 -2.57 20.30 -1.51
C ALA A 345 -3.51 21.05 -2.45
N GLY A 346 -4.45 20.33 -3.06
CA GLY A 346 -5.39 20.94 -3.99
C GLY A 346 -4.73 21.84 -5.01
N PHE A 347 -3.64 21.35 -5.62
CA PHE A 347 -2.87 22.12 -6.58
C PHE A 347 -3.08 21.65 -8.01
N SER A 348 -4.09 20.84 -8.22
CA SER A 348 -4.28 20.31 -9.54
C SER A 348 -5.68 19.90 -9.91
N CYS A 349 -6.35 19.18 -9.05
CA CYS A 349 -7.66 18.69 -9.38
C CYS A 349 -8.85 19.63 -9.09
N ASN A 350 -8.61 20.72 -8.36
CA ASN A 350 -9.69 21.64 -8.04
C ASN A 350 -10.83 20.91 -7.30
N GLN A 351 -10.45 20.12 -6.29
CA GLN A 351 -11.39 19.36 -5.48
C GLN A 351 -10.94 19.47 -4.05
N GLY A 352 -10.02 20.40 -3.81
CA GLY A 352 -9.51 20.57 -2.46
C GLY A 352 -8.23 19.80 -2.15
N ARG A 353 -7.99 19.73 -0.85
CA ARG A 353 -6.84 19.10 -0.23
C ARG A 353 -7.15 17.62 0.08
N TYR A 354 -6.46 16.71 -0.59
CA TYR A 354 -6.67 15.27 -0.39
C TYR A 354 -8.08 14.86 -0.80
N PRO A 355 -8.43 15.06 -2.08
CA PRO A 355 -9.77 14.68 -2.52
C PRO A 355 -10.13 13.20 -2.31
N LEU A 356 -9.23 12.31 -2.67
CA LEU A 356 -9.50 10.89 -2.52
C LEU A 356 -9.57 10.38 -1.07
N ILE A 357 -8.53 10.65 -0.29
CA ILE A 357 -8.47 10.18 1.08
C ILE A 357 -9.47 10.90 1.97
N GLN A 358 -9.79 12.15 1.64
CA GLN A 358 -10.78 12.90 2.42
C GLN A 358 -12.09 12.18 2.20
N THR A 359 -12.23 11.61 1.01
CA THR A 359 -13.41 10.83 0.63
C THR A 359 -13.44 9.59 1.50
N LEU A 360 -12.29 8.91 1.64
CA LEU A 360 -12.19 7.72 2.50
C LEU A 360 -12.56 8.01 3.97
N ARG A 361 -12.03 9.11 4.49
CA ARG A 361 -12.27 9.51 5.87
C ARG A 361 -13.74 9.79 6.15
N GLN A 362 -14.39 10.52 5.25
CA GLN A 362 -15.81 10.85 5.42
C GLN A 362 -16.69 9.62 5.22
N GLU A 363 -16.44 8.83 4.19
CA GLU A 363 -17.23 7.63 3.95
C GLU A 363 -17.01 6.60 5.04
N LEU A 364 -15.85 6.62 5.68
CA LEU A 364 -15.53 5.65 6.72
C LEU A 364 -15.97 6.08 8.10
N SER A 365 -15.73 7.35 8.42
CA SER A 365 -16.08 7.91 9.72
C SER A 365 -17.58 8.22 9.73
#